data_5EUG
#
_entry.id   5EUG
#
_cell.length_a   54.400
_cell.length_b   59.400
_cell.length_c   64.200
_cell.angle_alpha   90.00
_cell.angle_beta   90.00
_cell.angle_gamma   90.00
#
_symmetry.space_group_name_H-M   'P 21 21 21'
#
loop_
_entity.id
_entity.type
_entity.pdbx_description
1 polymer 'PROTEIN (GLYCOSYLASE)'
2 non-polymer URACIL
3 water water
#
_entity_poly.entity_id   1
_entity_poly.type   'polypeptide(L)'
_entity_poly.pdbx_seq_one_letter_code
;MANELTWHDVLAEEKQQPYFLNTLQTVASERQSGVTIYPPQKDVFNAFRFTELGDVKVVILGQDPYHGPGQAHGLAFSVR
PGIAIPPSLLNMYKELENTIPGFTRPNHGYLESWARQGVLLLNTVLTVRAGQAHSHASLGWETFTDKVISLINQHREGVV
FLLWGSHAQKKGAIIDKQRHHVLKAPQPSPLSAHRGFFGCNHFVLANQWLEQHGETPIDWMPVLPAESE
;
_entity_poly.pdbx_strand_id   A
#
loop_
_chem_comp.id
_chem_comp.type
_chem_comp.name
_chem_comp.formula
URA non-polymer URACIL 'C4 H4 N2 O2'
#
# COMPACT_ATOMS: atom_id res chain seq x y z
N LEU A 5 11.54 1.37 -18.04
CA LEU A 5 11.71 0.29 -17.07
C LEU A 5 10.40 0.05 -16.32
N THR A 6 9.87 -1.16 -16.46
CA THR A 6 8.61 -1.53 -15.84
C THR A 6 8.84 -2.49 -14.69
N TRP A 7 7.77 -2.71 -13.92
CA TRP A 7 7.82 -3.72 -12.87
C TRP A 7 8.26 -5.06 -13.46
N HIS A 8 7.63 -5.38 -14.61
CA HIS A 8 7.92 -6.68 -15.18
C HIS A 8 9.38 -6.80 -15.64
N ASP A 9 9.90 -5.71 -16.18
CA ASP A 9 11.32 -5.65 -16.45
C ASP A 9 12.17 -6.02 -15.23
N VAL A 10 11.87 -5.48 -14.03
CA VAL A 10 12.81 -5.68 -12.92
C VAL A 10 12.41 -6.86 -12.03
N LEU A 11 11.20 -7.38 -12.21
CA LEU A 11 10.74 -8.49 -11.38
C LEU A 11 10.57 -9.82 -12.13
N ALA A 12 10.70 -9.82 -13.46
CA ALA A 12 10.52 -11.03 -14.25
C ALA A 12 11.32 -12.18 -13.65
N GLU A 13 12.61 -11.94 -13.37
CA GLU A 13 13.42 -13.02 -12.81
C GLU A 13 12.92 -13.46 -11.44
N GLU A 14 12.58 -12.47 -10.63
CA GLU A 14 12.13 -12.79 -9.28
C GLU A 14 10.87 -13.64 -9.37
N LYS A 15 9.98 -13.32 -10.31
CA LYS A 15 8.72 -14.04 -10.37
C LYS A 15 8.91 -15.46 -10.89
N GLN A 16 10.13 -15.82 -11.31
CA GLN A 16 10.35 -17.22 -11.69
C GLN A 16 11.07 -17.98 -10.58
N GLN A 17 11.23 -17.36 -9.41
CA GLN A 17 11.90 -18.11 -8.34
C GLN A 17 10.95 -19.10 -7.68
N PRO A 18 11.43 -20.30 -7.36
CA PRO A 18 10.64 -21.29 -6.64
C PRO A 18 9.87 -20.71 -5.46
N TYR A 19 10.51 -19.91 -4.59
CA TYR A 19 9.76 -19.43 -3.43
C TYR A 19 8.51 -18.67 -3.90
N PHE A 20 8.65 -17.94 -4.99
CA PHE A 20 7.60 -17.02 -5.42
C PHE A 20 6.46 -17.83 -6.06
N LEU A 21 6.81 -18.70 -7.00
CA LEU A 21 5.84 -19.54 -7.69
C LEU A 21 5.12 -20.41 -6.69
N ASN A 22 5.90 -20.82 -5.70
CA ASN A 22 5.42 -21.68 -4.65
C ASN A 22 4.42 -20.95 -3.78
N THR A 23 4.67 -19.65 -3.63
CA THR A 23 3.74 -18.86 -2.80
C THR A 23 2.39 -18.89 -3.51
N LEU A 24 2.43 -18.65 -4.82
CA LEU A 24 1.18 -18.62 -5.59
C LEU A 24 0.53 -20.00 -5.65
N GLN A 25 1.28 -21.11 -5.71
CA GLN A 25 0.56 -22.39 -5.74
C GLN A 25 -0.13 -22.67 -4.42
N THR A 26 0.48 -22.26 -3.31
CA THR A 26 -0.12 -22.46 -2.00
C THR A 26 -1.41 -21.63 -1.93
N VAL A 27 -1.38 -20.41 -2.46
CA VAL A 27 -2.65 -19.64 -2.45
C VAL A 27 -3.73 -20.32 -3.28
N ALA A 28 -3.37 -20.68 -4.50
CA ALA A 28 -4.29 -21.35 -5.41
C ALA A 28 -4.78 -22.65 -4.78
N SER A 29 -3.93 -23.37 -4.07
CA SER A 29 -4.41 -24.56 -3.35
C SER A 29 -5.45 -24.20 -2.28
N GLU A 30 -5.12 -23.20 -1.46
CA GLU A 30 -5.99 -22.77 -0.36
C GLU A 30 -7.36 -22.29 -0.84
N ARG A 31 -7.38 -21.56 -1.95
CA ARG A 31 -8.61 -21.13 -2.59
C ARG A 31 -9.56 -22.27 -2.92
N GLN A 32 -9.04 -23.46 -3.23
CA GLN A 32 -9.90 -24.60 -3.55
C GLN A 32 -10.09 -25.56 -2.38
N SER A 33 -9.47 -25.25 -1.25
CA SER A 33 -9.45 -26.20 -0.15
C SER A 33 -10.61 -26.04 0.84
N GLY A 34 -11.53 -25.13 0.53
CA GLY A 34 -12.60 -24.81 1.44
C GLY A 34 -12.47 -23.51 2.21
N VAL A 35 -11.44 -22.70 1.93
CA VAL A 35 -11.34 -21.42 2.61
C VAL A 35 -11.27 -20.31 1.56
N THR A 36 -11.81 -19.18 2.00
CA THR A 36 -11.77 -18.01 1.13
C THR A 36 -10.48 -17.23 1.36
N ILE A 37 -9.83 -16.86 0.28
CA ILE A 37 -8.62 -16.03 0.31
C ILE A 37 -8.90 -14.65 -0.25
N TYR A 38 -8.45 -13.62 0.47
CA TYR A 38 -8.59 -12.22 0.03
C TYR A 38 -7.24 -11.64 -0.31
N PRO A 39 -7.11 -10.79 -1.32
CA PRO A 39 -8.14 -10.42 -2.28
C PRO A 39 -8.30 -11.47 -3.38
N PRO A 40 -9.26 -11.33 -4.28
CA PRO A 40 -9.37 -12.27 -5.39
C PRO A 40 -8.08 -12.31 -6.17
N GLN A 41 -7.80 -13.43 -6.82
CA GLN A 41 -6.48 -13.57 -7.45
C GLN A 41 -6.21 -12.48 -8.47
N LYS A 42 -7.20 -11.95 -9.17
CA LYS A 42 -6.97 -10.92 -10.18
C LYS A 42 -6.57 -9.57 -9.58
N ASP A 43 -6.78 -9.48 -8.25
CA ASP A 43 -6.52 -8.21 -7.58
C ASP A 43 -5.20 -8.21 -6.81
N VAL A 44 -4.58 -9.38 -6.65
CA VAL A 44 -3.47 -9.47 -5.71
C VAL A 44 -2.35 -8.49 -6.01
N PHE A 45 -2.15 -8.20 -7.28
CA PHE A 45 -1.03 -7.36 -7.69
C PHE A 45 -1.52 -6.00 -8.18
N ASN A 46 -2.71 -5.62 -7.72
CA ASN A 46 -3.24 -4.36 -8.22
C ASN A 46 -2.36 -3.18 -7.89
N ALA A 47 -1.58 -3.19 -6.80
CA ALA A 47 -0.79 -1.97 -6.57
C ALA A 47 0.20 -1.76 -7.71
N PHE A 48 0.68 -2.86 -8.28
CA PHE A 48 1.60 -2.85 -9.41
C PHE A 48 0.89 -2.40 -10.68
N ARG A 49 -0.35 -2.85 -10.80
CA ARG A 49 -1.20 -2.48 -11.93
C ARG A 49 -1.42 -0.98 -12.07
N PHE A 50 -1.78 -0.36 -10.96
CA PHE A 50 -2.18 1.05 -10.95
C PHE A 50 -1.02 2.00 -10.82
N THR A 51 0.13 1.53 -10.33
CA THR A 51 1.29 2.38 -10.15
C THR A 51 2.52 1.72 -10.78
N GLU A 52 2.86 2.09 -12.01
CA GLU A 52 4.05 1.46 -12.60
C GLU A 52 5.31 1.96 -11.91
N LEU A 53 6.36 1.17 -12.09
CA LEU A 53 7.64 1.45 -11.45
C LEU A 53 8.08 2.89 -11.61
N GLY A 54 8.03 3.38 -12.84
CA GLY A 54 8.52 4.74 -13.05
C GLY A 54 7.54 5.79 -12.58
N ASP A 55 6.33 5.39 -12.21
CA ASP A 55 5.34 6.38 -11.79
C ASP A 55 5.31 6.49 -10.27
N VAL A 56 6.06 5.67 -9.56
CA VAL A 56 6.05 5.75 -8.09
C VAL A 56 6.58 7.09 -7.59
N LYS A 57 5.74 7.80 -6.84
CA LYS A 57 6.08 9.05 -6.17
C LYS A 57 6.09 8.89 -4.64
N VAL A 58 5.11 8.13 -4.15
CA VAL A 58 4.95 7.88 -2.72
C VAL A 58 4.71 6.39 -2.52
N VAL A 59 5.40 5.87 -1.51
CA VAL A 59 5.21 4.49 -1.15
C VAL A 59 4.59 4.45 0.26
N ILE A 60 3.40 3.87 0.33
CA ILE A 60 2.79 3.65 1.64
C ILE A 60 2.66 2.14 1.85
N LEU A 61 3.47 1.64 2.79
CA LEU A 61 3.46 0.22 3.13
C LEU A 61 2.33 -0.12 4.08
N GLY A 62 1.57 -1.17 3.81
CA GLY A 62 0.72 -1.74 4.87
C GLY A 62 1.39 -3.07 5.22
N GLN A 63 0.75 -3.89 6.03
CA GLN A 63 1.29 -5.21 6.32
C GLN A 63 0.41 -6.28 5.67
N ASP A 64 -0.74 -6.47 6.31
CA ASP A 64 -1.72 -7.47 5.92
C ASP A 64 -2.92 -6.90 5.19
N PRO A 65 -3.42 -7.56 4.15
CA PRO A 65 -4.65 -7.11 3.51
C PRO A 65 -5.84 -7.25 4.47
N TYR A 66 -6.86 -6.43 4.27
CA TYR A 66 -8.10 -6.61 5.01
C TYR A 66 -8.63 -8.03 4.82
N HIS A 67 -9.25 -8.63 5.83
CA HIS A 67 -9.60 -10.04 5.64
C HIS A 67 -11.09 -10.31 5.59
N GLY A 68 -11.91 -9.29 5.34
CA GLY A 68 -13.36 -9.47 5.28
C GLY A 68 -13.88 -9.39 3.86
N PRO A 69 -15.10 -9.86 3.65
CA PRO A 69 -15.64 -9.86 2.27
C PRO A 69 -15.77 -8.42 1.81
N GLY A 70 -15.33 -8.15 0.58
CA GLY A 70 -15.54 -6.89 -0.08
C GLY A 70 -14.50 -5.85 0.24
N GLN A 71 -13.61 -6.15 1.19
CA GLN A 71 -12.64 -5.15 1.64
C GLN A 71 -11.44 -5.10 0.70
N ALA A 72 -10.56 -6.08 0.82
CA ALA A 72 -9.28 -6.10 0.12
C ALA A 72 -9.43 -6.14 -1.39
N HIS A 73 -8.76 -5.22 -2.09
CA HIS A 73 -8.80 -5.33 -3.56
C HIS A 73 -7.41 -5.03 -4.11
N GLY A 74 -6.35 -5.33 -3.35
CA GLY A 74 -5.00 -5.22 -3.86
C GLY A 74 -4.27 -3.91 -3.62
N LEU A 75 -4.88 -2.95 -2.94
CA LEU A 75 -4.24 -1.71 -2.53
C LEU A 75 -4.26 -1.59 -1.01
N ALA A 76 -3.10 -1.43 -0.39
CA ALA A 76 -2.98 -1.21 1.04
C ALA A 76 -4.00 -0.16 1.48
N PHE A 77 -4.71 -0.50 2.54
CA PHE A 77 -5.67 0.34 3.25
C PHE A 77 -6.97 0.63 2.52
N SER A 78 -7.06 0.35 1.22
CA SER A 78 -8.28 0.71 0.48
C SER A 78 -9.34 -0.37 0.55
N VAL A 79 -10.61 0.02 0.37
CA VAL A 79 -11.70 -0.96 0.27
C VAL A 79 -12.57 -0.69 -0.95
N ARG A 80 -13.33 -1.67 -1.44
CA ARG A 80 -14.08 -1.33 -2.67
C ARG A 80 -15.20 -0.34 -2.39
N PRO A 81 -15.69 0.33 -3.43
CA PRO A 81 -16.81 1.25 -3.24
C PRO A 81 -18.02 0.54 -2.63
N GLY A 82 -18.70 1.26 -1.74
CA GLY A 82 -19.87 0.75 -1.07
C GLY A 82 -19.47 0.06 0.23
N ILE A 83 -18.18 -0.16 0.45
CA ILE A 83 -17.80 -0.82 1.71
C ILE A 83 -17.49 0.20 2.78
N ALA A 84 -17.85 -0.10 4.03
CA ALA A 84 -17.54 0.85 5.10
C ALA A 84 -16.04 1.15 5.15
N ILE A 85 -15.70 2.40 5.43
CA ILE A 85 -14.28 2.74 5.59
C ILE A 85 -13.68 2.11 6.84
N PRO A 86 -12.71 1.21 6.76
CA PRO A 86 -12.17 0.55 7.96
C PRO A 86 -11.44 1.51 8.88
N PRO A 87 -11.45 1.20 10.17
CA PRO A 87 -10.82 2.04 11.18
C PRO A 87 -9.44 2.55 10.82
N SER A 88 -8.54 1.77 10.21
CA SER A 88 -7.23 2.31 9.87
C SER A 88 -7.35 3.43 8.82
N LEU A 89 -8.26 3.25 7.87
CA LEU A 89 -8.39 4.25 6.82
C LEU A 89 -9.12 5.48 7.36
N LEU A 90 -10.06 5.26 8.27
CA LEU A 90 -10.71 6.38 8.97
C LEU A 90 -9.63 7.23 9.64
N ASN A 91 -8.69 6.59 10.35
CA ASN A 91 -7.65 7.39 11.01
C ASN A 91 -6.72 8.11 10.06
N MET A 92 -6.45 7.50 8.90
CA MET A 92 -5.74 8.21 7.83
C MET A 92 -6.51 9.45 7.38
N TYR A 93 -7.81 9.29 7.15
CA TYR A 93 -8.69 10.39 6.78
C TYR A 93 -8.70 11.47 7.84
N LYS A 94 -8.62 11.09 9.12
CA LYS A 94 -8.61 12.05 10.22
C LYS A 94 -7.37 12.96 10.14
N GLU A 95 -6.20 12.34 9.93
CA GLU A 95 -4.95 13.08 9.86
C GLU A 95 -5.02 14.03 8.66
N LEU A 96 -5.46 13.45 7.54
CA LEU A 96 -5.70 14.20 6.33
C LEU A 96 -6.66 15.36 6.59
N GLU A 97 -7.80 15.15 7.25
CA GLU A 97 -8.71 16.26 7.54
C GLU A 97 -8.06 17.36 8.37
N ASN A 98 -7.16 16.97 9.27
CA ASN A 98 -6.51 17.91 10.15
C ASN A 98 -5.33 18.64 9.52
N THR A 99 -4.90 18.22 8.32
CA THR A 99 -3.67 18.78 7.80
C THR A 99 -3.76 19.24 6.36
N ILE A 100 -4.59 18.62 5.53
CA ILE A 100 -4.58 19.03 4.12
C ILE A 100 -5.67 20.04 3.87
N PRO A 101 -5.30 21.23 3.42
CA PRO A 101 -6.28 22.30 3.20
C PRO A 101 -7.43 21.85 2.31
N GLY A 102 -8.66 22.14 2.76
CA GLY A 102 -9.84 21.79 2.01
C GLY A 102 -10.24 20.34 2.17
N PHE A 103 -9.45 19.49 2.82
CA PHE A 103 -9.84 18.08 2.82
C PHE A 103 -11.06 17.85 3.70
N THR A 104 -12.01 17.02 3.24
CA THR A 104 -13.13 16.67 4.10
C THR A 104 -13.35 15.16 4.03
N ARG A 105 -14.12 14.63 4.98
CA ARG A 105 -14.21 13.17 5.09
C ARG A 105 -14.83 12.52 3.87
N PRO A 106 -14.14 11.67 3.13
CA PRO A 106 -14.75 11.00 1.96
C PRO A 106 -15.95 10.15 2.33
N ASN A 107 -16.83 9.87 1.37
CA ASN A 107 -17.96 9.00 1.71
C ASN A 107 -17.64 7.57 1.29
N HIS A 108 -16.34 7.32 1.07
CA HIS A 108 -15.96 5.96 0.61
C HIS A 108 -14.53 5.68 1.02
N GLY A 109 -14.02 4.44 0.85
CA GLY A 109 -12.66 4.13 1.29
C GLY A 109 -11.82 3.64 0.11
N TYR A 110 -12.19 4.07 -1.10
CA TYR A 110 -11.57 3.54 -2.31
C TYR A 110 -10.46 4.46 -2.80
N LEU A 111 -9.24 3.94 -2.76
CA LEU A 111 -8.03 4.75 -2.97
C LEU A 111 -7.36 4.53 -4.33
N GLU A 112 -8.06 4.02 -5.34
CA GLU A 112 -7.44 3.85 -6.65
C GLU A 112 -6.88 5.17 -7.17
N SER A 113 -7.61 6.26 -6.93
CA SER A 113 -7.15 7.55 -7.42
C SER A 113 -5.82 7.96 -6.79
N TRP A 114 -5.54 7.55 -5.56
CA TRP A 114 -4.19 7.74 -5.03
C TRP A 114 -3.16 7.01 -5.90
N ALA A 115 -3.45 5.73 -6.14
CA ALA A 115 -2.54 4.88 -6.92
C ALA A 115 -2.29 5.44 -8.33
N ARG A 116 -3.34 5.92 -8.97
CA ARG A 116 -3.19 6.53 -10.30
C ARG A 116 -2.34 7.79 -10.24
N GLN A 117 -2.14 8.35 -9.05
CA GLN A 117 -1.26 9.51 -8.98
C GLN A 117 0.16 9.14 -8.60
N GLY A 118 0.44 7.85 -8.40
CA GLY A 118 1.83 7.55 -8.07
C GLY A 118 2.03 7.15 -6.63
N VAL A 119 0.91 6.95 -5.90
CA VAL A 119 1.00 6.41 -4.55
C VAL A 119 0.98 4.88 -4.62
N LEU A 120 2.13 4.24 -4.36
CA LEU A 120 2.14 2.77 -4.38
C LEU A 120 1.60 2.25 -3.06
N LEU A 121 0.44 1.60 -3.05
CA LEU A 121 -0.16 1.18 -1.78
C LEU A 121 0.13 -0.31 -1.60
N LEU A 122 1.32 -0.55 -1.04
CA LEU A 122 1.90 -1.86 -1.04
C LEU A 122 1.84 -2.55 0.32
N ASN A 123 1.05 -3.62 0.36
CA ASN A 123 1.09 -4.46 1.56
C ASN A 123 2.34 -5.34 1.50
N THR A 124 2.98 -5.64 2.63
CA THR A 124 4.16 -6.50 2.57
C THR A 124 3.74 -7.96 2.39
N VAL A 125 2.52 -8.29 2.77
CA VAL A 125 1.89 -9.61 2.57
C VAL A 125 0.69 -9.40 1.66
N LEU A 126 0.59 -10.17 0.58
CA LEU A 126 -0.39 -9.77 -0.44
C LEU A 126 -1.65 -10.62 -0.43
N THR A 127 -1.75 -11.63 0.42
CA THR A 127 -2.97 -12.42 0.55
C THR A 127 -3.22 -12.77 2.02
N VAL A 128 -4.44 -13.20 2.31
CA VAL A 128 -4.82 -13.52 3.68
C VAL A 128 -6.02 -14.47 3.67
N ARG A 129 -6.12 -15.36 4.63
CA ARG A 129 -7.33 -16.18 4.68
C ARG A 129 -8.44 -15.35 5.31
N ALA A 130 -9.66 -15.44 4.79
CA ALA A 130 -10.80 -14.76 5.37
C ALA A 130 -10.84 -14.86 6.90
N GLY A 131 -11.01 -13.72 7.55
CA GLY A 131 -11.15 -13.53 8.97
C GLY A 131 -9.92 -13.88 9.78
N GLN A 132 -8.80 -14.18 9.12
CA GLN A 132 -7.62 -14.67 9.82
C GLN A 132 -6.36 -13.86 9.53
N ALA A 133 -6.18 -12.76 10.22
CA ALA A 133 -5.08 -11.83 10.02
C ALA A 133 -3.74 -12.54 10.15
N HIS A 134 -2.82 -12.15 9.29
CA HIS A 134 -1.46 -12.60 9.10
C HIS A 134 -1.36 -14.08 8.76
N SER A 135 -2.45 -14.69 8.35
CA SER A 135 -2.49 -16.13 8.04
C SER A 135 -1.60 -16.50 6.87
N HIS A 136 -1.27 -15.59 5.97
CA HIS A 136 -0.33 -15.93 4.90
C HIS A 136 1.02 -15.26 5.12
N ALA A 137 1.27 -14.79 6.34
CA ALA A 137 2.49 -14.00 6.57
C ALA A 137 3.75 -14.82 6.40
N SER A 138 3.65 -16.15 6.44
CA SER A 138 4.92 -16.88 6.31
C SER A 138 4.98 -17.65 4.98
N LEU A 139 4.17 -17.25 4.02
CA LEU A 139 4.08 -17.89 2.71
C LEU A 139 5.26 -17.61 1.79
N GLY A 140 5.91 -16.47 1.90
CA GLY A 140 6.91 -16.10 0.89
C GLY A 140 6.72 -14.66 0.44
N TRP A 141 5.57 -14.07 0.73
CA TRP A 141 5.28 -12.70 0.29
C TRP A 141 6.31 -11.69 0.80
N GLU A 142 6.71 -11.80 2.06
CA GLU A 142 7.64 -10.82 2.62
C GLU A 142 8.94 -10.83 1.82
N THR A 143 9.38 -12.01 1.35
CA THR A 143 10.60 -12.03 0.54
C THR A 143 10.44 -11.24 -0.76
N PHE A 144 9.29 -11.44 -1.40
CA PHE A 144 8.89 -10.79 -2.64
C PHE A 144 8.83 -9.27 -2.44
N THR A 145 8.12 -8.84 -1.39
CA THR A 145 8.03 -7.40 -1.15
C THR A 145 9.35 -6.86 -0.63
N ASP A 146 10.19 -7.67 0.01
CA ASP A 146 11.54 -7.18 0.27
C ASP A 146 12.19 -6.76 -1.05
N LYS A 147 12.03 -7.66 -2.03
CA LYS A 147 12.76 -7.42 -3.29
C LYS A 147 12.18 -6.19 -3.97
N VAL A 148 10.85 -6.05 -3.89
CA VAL A 148 10.18 -4.89 -4.50
C VAL A 148 10.72 -3.58 -3.95
N ILE A 149 10.71 -3.48 -2.62
CA ILE A 149 11.24 -2.25 -2.02
C ILE A 149 12.69 -2.01 -2.40
N SER A 150 13.50 -3.07 -2.39
CA SER A 150 14.90 -2.93 -2.81
C SER A 150 15.02 -2.40 -4.23
N LEU A 151 14.19 -2.92 -5.14
CA LEU A 151 14.26 -2.43 -6.52
C LEU A 151 13.91 -0.96 -6.63
N ILE A 152 12.93 -0.54 -5.82
CA ILE A 152 12.51 0.86 -5.87
C ILE A 152 13.67 1.74 -5.38
N ASN A 153 14.26 1.31 -4.28
CA ASN A 153 15.40 2.00 -3.70
C ASN A 153 16.54 2.18 -4.73
N GLN A 154 16.80 1.14 -5.50
CA GLN A 154 17.82 1.12 -6.53
C GLN A 154 17.47 1.87 -7.80
N HIS A 155 16.26 1.61 -8.32
CA HIS A 155 15.94 2.09 -9.66
C HIS A 155 15.23 3.42 -9.70
N ARG A 156 14.67 3.89 -8.60
CA ARG A 156 14.02 5.20 -8.60
C ARG A 156 14.87 6.18 -7.80
N GLU A 157 14.49 7.44 -7.93
CA GLU A 157 15.10 8.58 -7.28
C GLU A 157 14.05 9.48 -6.62
N GLY A 158 14.23 9.83 -5.36
CA GLY A 158 13.42 10.83 -4.68
C GLY A 158 12.00 10.39 -4.44
N VAL A 159 11.83 9.10 -4.14
CA VAL A 159 10.50 8.62 -3.76
C VAL A 159 10.29 8.96 -2.29
N VAL A 160 9.04 9.29 -1.96
CA VAL A 160 8.75 9.49 -0.54
C VAL A 160 8.25 8.17 0.05
N PHE A 161 8.86 7.72 1.13
CA PHE A 161 8.39 6.48 1.74
C PHE A 161 7.66 6.80 3.03
N LEU A 162 6.40 6.43 3.14
CA LEU A 162 5.73 6.61 4.44
C LEU A 162 5.71 5.28 5.17
N LEU A 163 6.53 5.16 6.20
CA LEU A 163 6.72 3.91 6.96
C LEU A 163 6.01 3.94 8.30
N TRP A 164 4.88 3.26 8.37
CA TRP A 164 3.93 3.32 9.47
C TRP A 164 3.97 2.02 10.27
N GLY A 165 4.54 2.10 11.48
CA GLY A 165 4.65 0.93 12.35
C GLY A 165 6.02 0.27 12.24
N SER A 166 6.39 -0.50 13.26
CA SER A 166 7.69 -1.12 13.38
C SER A 166 7.99 -2.05 12.20
N HIS A 167 6.99 -2.81 11.78
CA HIS A 167 7.22 -3.77 10.69
C HIS A 167 7.62 -3.04 9.42
N ALA A 168 6.84 -2.01 9.05
CA ALA A 168 7.19 -1.29 7.82
C ALA A 168 8.52 -0.59 7.99
N GLN A 169 8.73 -0.12 9.23
CA GLN A 169 9.99 0.60 9.44
C GLN A 169 11.15 -0.35 9.28
N LYS A 170 11.00 -1.55 9.83
CA LYS A 170 12.10 -2.51 9.67
C LYS A 170 12.28 -2.81 8.19
N LYS A 171 11.13 -3.05 7.56
CA LYS A 171 11.18 -3.37 6.13
C LYS A 171 11.87 -2.28 5.32
N GLY A 172 11.78 -1.03 5.77
CA GLY A 172 12.30 0.05 4.95
C GLY A 172 13.67 0.48 5.43
N ALA A 173 14.23 -0.25 6.40
CA ALA A 173 15.53 0.19 6.91
C ALA A 173 16.58 0.26 5.82
N ILE A 174 16.51 -0.57 4.78
CA ILE A 174 17.58 -0.57 3.78
C ILE A 174 17.52 0.65 2.87
N ILE A 175 16.47 1.46 3.03
CA ILE A 175 16.30 2.51 2.03
C ILE A 175 17.24 3.69 2.21
N ASP A 176 17.83 4.09 1.09
CA ASP A 176 18.72 5.23 0.99
C ASP A 176 18.06 6.53 1.38
N LYS A 177 18.40 7.05 2.54
CA LYS A 177 17.70 8.23 3.07
C LYS A 177 18.24 9.52 2.47
N GLN A 178 19.25 9.38 1.62
CA GLN A 178 19.86 10.51 0.93
C GLN A 178 19.31 10.60 -0.49
N ARG A 179 18.98 9.45 -1.06
CA ARG A 179 18.38 9.51 -2.40
C ARG A 179 16.87 9.58 -2.35
N HIS A 180 16.33 9.09 -1.23
CA HIS A 180 14.89 9.05 -1.04
C HIS A 180 14.51 9.76 0.25
N HIS A 181 13.21 9.98 0.41
CA HIS A 181 12.74 10.66 1.62
C HIS A 181 11.93 9.68 2.45
N VAL A 182 12.44 9.38 3.64
CA VAL A 182 11.73 8.44 4.49
C VAL A 182 11.13 9.13 5.71
N LEU A 183 9.83 8.93 5.90
CA LEU A 183 9.08 9.49 6.99
C LEU A 183 8.51 8.39 7.88
N LYS A 184 8.72 8.48 9.19
CA LYS A 184 8.26 7.42 10.09
C LYS A 184 7.14 7.87 11.00
N ALA A 185 6.25 6.93 11.31
CA ALA A 185 5.17 7.12 12.26
C ALA A 185 4.58 5.78 12.69
N PRO A 186 3.87 5.77 13.80
CA PRO A 186 3.07 4.59 14.21
C PRO A 186 2.01 4.25 13.19
N GLN A 187 1.43 3.05 13.25
CA GLN A 187 0.41 2.65 12.29
C GLN A 187 -0.87 3.44 12.57
N PRO A 188 -1.70 3.66 11.56
CA PRO A 188 -3.00 4.31 11.75
C PRO A 188 -4.07 3.39 12.33
N SER A 189 -3.67 2.17 12.68
CA SER A 189 -4.71 1.31 13.26
C SER A 189 -5.12 1.85 14.62
N PRO A 190 -6.31 1.51 15.08
CA PRO A 190 -6.82 2.09 16.33
C PRO A 190 -5.87 1.88 17.50
N LEU A 191 -5.17 0.74 17.53
CA LEU A 191 -4.31 0.43 18.68
C LEU A 191 -3.15 1.40 18.81
N SER A 192 -2.77 2.07 17.72
CA SER A 192 -1.58 2.90 17.77
C SER A 192 -1.77 4.29 17.16
N ALA A 193 -2.92 4.58 16.56
CA ALA A 193 -3.04 5.84 15.83
C ALA A 193 -2.77 7.05 16.73
N HIS A 194 -3.24 6.97 17.97
CA HIS A 194 -3.19 8.15 18.84
C HIS A 194 -1.89 8.24 19.62
N ARG A 195 -0.97 7.35 19.29
CA ARG A 195 0.37 7.20 19.80
C ARG A 195 1.41 7.81 18.86
N GLY A 196 1.01 8.76 18.01
CA GLY A 196 1.99 9.34 17.11
C GLY A 196 1.60 9.37 15.65
N PHE A 197 0.61 8.59 15.23
CA PHE A 197 0.17 8.73 13.84
C PHE A 197 -0.50 10.10 13.69
N PHE A 198 -1.47 10.38 14.55
CA PHE A 198 -2.08 11.71 14.52
C PHE A 198 -0.99 12.73 14.86
N GLY A 199 -0.88 13.73 14.00
CA GLY A 199 0.13 14.75 14.09
C GLY A 199 1.38 14.37 13.31
N CYS A 200 1.47 13.19 12.67
CA CYS A 200 2.72 12.91 11.95
C CYS A 200 2.85 13.82 10.73
N ASN A 201 1.75 14.39 10.26
CA ASN A 201 1.76 15.34 9.14
C ASN A 201 2.38 14.74 7.89
N HIS A 202 2.31 13.42 7.72
CA HIS A 202 3.01 12.83 6.58
C HIS A 202 2.48 13.26 5.23
N PHE A 203 1.19 13.53 5.09
CA PHE A 203 0.62 13.80 3.76
C PHE A 203 1.09 15.15 3.24
N VAL A 204 1.15 16.12 4.15
CA VAL A 204 1.67 17.43 3.76
C VAL A 204 3.16 17.31 3.49
N LEU A 205 3.88 16.67 4.40
CA LEU A 205 5.34 16.57 4.23
C LEU A 205 5.68 15.86 2.93
N ALA A 206 4.90 14.82 2.62
CA ALA A 206 5.10 14.17 1.32
C ALA A 206 5.03 15.18 0.19
N ASN A 207 3.95 15.96 0.21
CA ASN A 207 3.70 16.86 -0.91
C ASN A 207 4.78 17.94 -0.97
N GLN A 208 5.19 18.46 0.18
CA GLN A 208 6.24 19.48 0.19
C GLN A 208 7.50 18.92 -0.47
N TRP A 209 7.92 17.72 -0.08
CA TRP A 209 9.06 17.07 -0.71
C TRP A 209 8.88 17.04 -2.22
N LEU A 210 7.75 16.49 -2.67
CA LEU A 210 7.55 16.34 -4.10
C LEU A 210 7.67 17.73 -4.75
N GLU A 211 7.09 18.73 -4.10
CA GLU A 211 7.11 20.05 -4.73
C GLU A 211 8.53 20.60 -4.77
N GLN A 212 9.33 20.30 -3.75
CA GLN A 212 10.71 20.79 -3.72
C GLN A 212 11.54 20.29 -4.88
N HIS A 213 11.14 19.17 -5.47
CA HIS A 213 11.86 18.51 -6.55
C HIS A 213 11.18 18.64 -7.90
N GLY A 214 10.15 19.47 -7.97
CA GLY A 214 9.50 19.71 -9.24
C GLY A 214 8.50 18.65 -9.63
N GLU A 215 8.11 17.83 -8.66
CA GLU A 215 7.07 16.83 -8.84
C GLU A 215 5.74 17.43 -8.39
N THR A 216 4.66 17.02 -9.07
CA THR A 216 3.38 17.58 -8.62
C THR A 216 2.89 16.86 -7.38
N PRO A 217 2.22 17.59 -6.50
CA PRO A 217 1.79 16.98 -5.23
C PRO A 217 0.62 16.03 -5.44
N ILE A 218 0.41 15.20 -4.41
CA ILE A 218 -0.71 14.26 -4.45
C ILE A 218 -2.00 15.00 -4.07
N ASP A 219 -3.08 14.75 -4.79
CA ASP A 219 -4.42 15.15 -4.36
C ASP A 219 -4.97 14.01 -3.51
N TRP A 220 -4.90 14.21 -2.19
CA TRP A 220 -5.23 13.12 -1.27
C TRP A 220 -6.72 12.86 -1.13
N MET A 221 -7.59 13.70 -1.69
CA MET A 221 -9.02 13.41 -1.62
C MET A 221 -9.40 12.32 -2.63
N PRO A 222 -9.77 11.16 -2.12
CA PRO A 222 -9.94 9.98 -3.00
C PRO A 222 -11.23 10.07 -3.81
N VAL A 223 -11.20 9.57 -5.05
CA VAL A 223 -12.41 9.73 -5.86
C VAL A 223 -12.90 8.42 -6.46
N LEU A 224 -14.20 8.23 -6.34
CA LEU A 224 -14.95 7.10 -6.86
C LEU A 224 -15.07 7.16 -8.38
N PRO A 225 -14.86 6.05 -9.05
CA PRO A 225 -15.11 6.02 -10.51
C PRO A 225 -16.51 6.53 -10.79
N ALA A 226 -16.67 7.26 -11.89
CA ALA A 226 -17.94 7.91 -12.16
C ALA A 226 -18.92 7.01 -12.93
N GLU A 227 -20.17 7.45 -12.92
CA GLU A 227 -21.25 6.86 -13.69
C GLU A 227 -21.21 7.36 -15.13
N SER A 228 -21.57 6.44 -16.03
CA SER A 228 -21.65 6.83 -17.45
C SER A 228 -23.08 6.62 -17.89
N GLU A 229 -23.46 7.16 -19.05
CA GLU A 229 -24.84 6.90 -19.49
C GLU A 229 -25.09 5.41 -19.69
N1 URA B . -3.88 -2.53 7.16
C2 URA B . -2.77 -2.71 6.34
O2 URA B . -1.60 -2.65 6.66
N3 URA B . -3.11 -2.92 5.01
C4 URA B . -4.38 -3.05 4.46
O4 URA B . -4.45 -3.42 3.31
C5 URA B . -5.47 -2.85 5.38
C6 URA B . -5.17 -2.63 6.68
#